data_6FQT
#
_entry.id   6FQT
#
_cell.length_a   25.082
_cell.length_b   43.897
_cell.length_c   51.572
_cell.angle_alpha   90.00
_cell.angle_beta   98.74
_cell.angle_gamma   90.00
#
_symmetry.space_group_name_H-M   'P 1 21 1'
#
loop_
_entity.id
_entity.type
_entity.pdbx_description
1 polymer 'CREB-binding protein'
2 non-polymer ~{N}-[3-(5-ethanoyl-2-ethoxy-phenyl)-5-(1-methylpyrazol-3-yl)phenyl]furan-2-carboxamide
3 water water
#
_entity_poly.entity_id   1
_entity_poly.type   'polypeptide(L)'
_entity_poly.pdbx_seq_one_letter_code
;SMRKKIFKPEELRQALMPTLEALYRQDPESLPFRQPVDPQLLGIPDYFDIVKNPMDLSTIKRKLDTGQYQEPWQYVDDVW
LMFNNAWLYNRKTSRVYKFCSKLAEVFEQEIDPVMQSLG
;
_entity_poly.pdbx_strand_id   A
#
loop_
_chem_comp.id
_chem_comp.type
_chem_comp.name
_chem_comp.formula
AY2 non-polymer ~{N}-[3-(5-ethanoyl-2-ethoxy-phenyl)-5-(1-methylpyrazol-3-yl)phenyl]furan-2-carboxamide 'C25 H23 N3 O4'
#
# COMPACT_ATOMS: atom_id res chain seq x y z
N LYS A 5 2.45 -18.50 15.54
CA LYS A 5 3.83 -18.34 15.10
C LYS A 5 4.32 -16.91 15.35
N ILE A 6 5.47 -16.77 16.01
CA ILE A 6 6.09 -15.47 16.24
C ILE A 6 6.96 -15.13 15.04
N PHE A 7 7.14 -13.84 14.79
CA PHE A 7 7.88 -13.35 13.64
C PHE A 7 8.85 -12.26 14.09
N LYS A 8 10.14 -12.50 13.84
CA LYS A 8 11.16 -11.54 14.24
C LYS A 8 11.06 -10.26 13.40
N PRO A 9 11.22 -9.09 14.02
CA PRO A 9 11.01 -7.84 13.25
C PRO A 9 11.97 -7.66 12.09
N GLU A 10 13.24 -8.01 12.27
CA GLU A 10 14.18 -7.92 11.15
C GLU A 10 13.86 -8.93 10.07
N GLU A 11 13.22 -10.05 10.43
CA GLU A 11 12.86 -11.06 9.44
C GLU A 11 11.73 -10.57 8.53
N LEU A 12 10.73 -9.89 9.10
CA LEU A 12 9.62 -9.40 8.29
C LEU A 12 10.10 -8.39 7.26
N ARG A 13 10.84 -7.38 7.73
CA ARG A 13 11.37 -6.36 6.82
C ARG A 13 12.11 -7.01 5.66
N GLN A 14 13.05 -7.91 5.96
CA GLN A 14 13.84 -8.54 4.91
C GLN A 14 12.99 -9.40 3.97
N ALA A 15 11.88 -9.95 4.47
CA ALA A 15 11.02 -10.81 3.66
C ALA A 15 9.81 -10.08 3.08
N LEU A 16 9.43 -8.93 3.64
CA LEU A 16 8.27 -8.20 3.12
C LEU A 16 8.64 -7.02 2.24
N MET A 17 9.75 -6.34 2.52
CA MET A 17 10.22 -5.20 1.74
C MET A 17 10.33 -5.48 0.25
N PRO A 18 10.72 -6.69 -0.19
CA PRO A 18 10.68 -6.96 -1.64
C PRO A 18 9.29 -6.76 -2.25
N THR A 19 8.23 -7.17 -1.53
CA THR A 19 6.89 -6.94 -2.05
C THR A 19 6.60 -5.44 -2.16
N LEU A 20 7.11 -4.66 -1.21
CA LEU A 20 6.83 -3.22 -1.21
C LEU A 20 7.58 -2.51 -2.32
N GLU A 21 8.86 -2.84 -2.48
CA GLU A 21 9.64 -2.18 -3.52
C GLU A 21 9.15 -2.55 -4.90
N ALA A 22 8.51 -3.71 -5.05
CA ALA A 22 7.86 -4.03 -6.33
C ALA A 22 6.74 -3.05 -6.66
N LEU A 23 6.07 -2.50 -5.64
CA LEU A 23 5.06 -1.49 -5.90
C LEU A 23 5.69 -0.16 -6.25
N TYR A 24 6.68 0.30 -5.46
CA TYR A 24 7.40 1.53 -5.79
C TYR A 24 7.97 1.49 -7.21
N ARG A 25 8.37 0.31 -7.67
CA ARG A 25 9.00 0.18 -8.97
C ARG A 25 8.07 0.50 -10.13
N GLN A 26 6.76 0.38 -9.93
CA GLN A 26 5.78 0.69 -10.96
C GLN A 26 5.74 2.20 -11.19
N ASP A 27 6.17 2.65 -12.37
CA ASP A 27 6.20 4.07 -12.70
C ASP A 27 5.43 4.22 -14.00
N PRO A 28 4.38 5.07 -14.05
CA PRO A 28 3.92 6.03 -13.05
C PRO A 28 2.88 5.52 -12.03
N GLU A 29 2.57 4.22 -12.04
CA GLU A 29 1.39 3.77 -11.30
C GLU A 29 1.55 3.93 -9.79
N SER A 30 2.77 3.92 -9.28
CA SER A 30 2.96 4.12 -7.83
C SER A 30 2.95 5.59 -7.43
N LEU A 31 3.09 6.52 -8.39
CA LEU A 31 3.23 7.92 -8.04
C LEU A 31 2.09 8.46 -7.18
N PRO A 32 0.82 8.10 -7.41
CA PRO A 32 -0.23 8.64 -6.52
C PRO A 32 -0.13 8.15 -5.09
N PHE A 33 0.69 7.13 -4.82
CA PHE A 33 0.63 6.41 -3.56
C PHE A 33 1.89 6.54 -2.74
N ARG A 34 2.90 7.28 -3.22
CA ARG A 34 4.19 7.31 -2.51
C ARG A 34 4.21 8.26 -1.34
N GLN A 35 3.18 9.07 -1.17
CA GLN A 35 3.09 10.02 -0.07
C GLN A 35 1.63 10.11 0.33
N PRO A 36 1.34 10.52 1.57
CA PRO A 36 -0.05 10.61 2.01
C PRO A 36 -0.81 11.59 1.14
N VAL A 37 -2.10 11.31 0.95
CA VAL A 37 -2.96 12.20 0.20
C VAL A 37 -3.13 13.50 0.98
N ASP A 38 -2.76 14.62 0.35
CA ASP A 38 -2.95 15.96 0.89
C ASP A 38 -4.09 16.62 0.12
N PRO A 39 -5.32 16.62 0.66
CA PRO A 39 -6.46 17.09 -0.15
C PRO A 39 -6.35 18.55 -0.54
N GLN A 40 -5.76 19.39 0.31
CA GLN A 40 -5.64 20.79 -0.05
C GLN A 40 -4.61 20.98 -1.16
N LEU A 41 -3.46 20.32 -1.05
CA LEU A 41 -2.44 20.38 -2.10
C LEU A 41 -2.98 19.88 -3.43
N LEU A 42 -3.79 18.82 -3.40
CA LEU A 42 -4.22 18.12 -4.60
C LEU A 42 -5.51 18.67 -5.19
N GLY A 43 -6.17 19.59 -4.51
CA GLY A 43 -7.42 20.11 -5.03
C GLY A 43 -8.57 19.12 -4.99
N ILE A 44 -8.59 18.26 -3.99
CA ILE A 44 -9.70 17.32 -3.80
C ILE A 44 -10.20 17.45 -2.37
N PRO A 45 -10.82 18.59 -2.02
CA PRO A 45 -11.08 18.89 -0.59
C PRO A 45 -12.03 17.92 0.11
N ASP A 46 -12.74 17.07 -0.62
CA ASP A 46 -13.74 16.19 -0.05
C ASP A 46 -13.17 14.82 0.35
N TYR A 47 -11.86 14.63 0.22
CA TYR A 47 -11.28 13.30 0.33
C TYR A 47 -11.59 12.65 1.69
N PHE A 48 -11.40 13.40 2.78
CA PHE A 48 -11.62 12.85 4.11
C PHE A 48 -13.09 12.63 4.46
N ASP A 49 -14.03 13.18 3.69
CA ASP A 49 -15.43 12.80 3.84
C ASP A 49 -15.70 11.39 3.36
N ILE A 50 -14.80 10.84 2.55
CA ILE A 50 -14.98 9.52 2.00
C ILE A 50 -13.96 8.53 2.55
N VAL A 51 -12.70 8.95 2.66
CA VAL A 51 -11.60 8.10 3.13
C VAL A 51 -11.36 8.44 4.60
N LYS A 52 -11.85 7.59 5.50
CA LYS A 52 -11.77 7.81 6.94
C LYS A 52 -10.49 7.25 7.57
N ASN A 53 -9.80 6.35 6.88
CA ASN A 53 -8.62 5.67 7.40
C ASN A 53 -7.51 5.69 6.35
N PRO A 54 -6.77 6.79 6.22
CA PRO A 54 -5.80 6.90 5.12
C PRO A 54 -4.60 5.98 5.28
N MET A 55 -4.00 5.66 4.14
CA MET A 55 -2.79 4.86 4.11
C MET A 55 -2.07 5.07 2.79
N ASP A 56 -0.75 4.95 2.83
CA ASP A 56 0.06 5.16 1.64
C ASP A 56 1.37 4.41 1.80
N LEU A 57 2.12 4.35 0.69
CA LEU A 57 3.37 3.58 0.68
C LEU A 57 4.39 4.12 1.66
N SER A 58 4.45 5.44 1.81
CA SER A 58 5.51 5.99 2.66
C SER A 58 5.26 5.64 4.12
N THR A 59 4.00 5.58 4.51
CA THR A 59 3.64 5.17 5.87
C THR A 59 3.95 3.70 6.08
N ILE A 60 3.63 2.87 5.09
CA ILE A 60 3.98 1.45 5.15
C ILE A 60 5.49 1.27 5.21
N LYS A 61 6.22 1.94 4.32
CA LYS A 61 7.67 1.79 4.31
C LYS A 61 8.28 2.21 5.65
N ARG A 62 7.76 3.29 6.25
CA ARG A 62 8.33 3.76 7.51
C ARG A 62 8.00 2.81 8.65
N LYS A 63 6.76 2.31 8.68
CA LYS A 63 6.42 1.25 9.63
C LYS A 63 7.35 0.06 9.48
N LEU A 64 7.45 -0.47 8.25
CA LEU A 64 8.31 -1.63 7.99
C LEU A 64 9.76 -1.34 8.37
N ASP A 65 10.23 -0.10 8.17
CA ASP A 65 11.59 0.28 8.52
C ASP A 65 11.81 0.39 10.01
N THR A 66 10.76 0.21 10.81
CA THR A 66 10.84 0.16 12.27
C THR A 66 10.15 -1.08 12.81
N GLY A 67 10.00 -2.11 11.97
CA GLY A 67 9.39 -3.37 12.36
C GLY A 67 8.06 -3.24 13.09
N GLN A 68 7.33 -2.17 12.84
CA GLN A 68 6.13 -1.86 13.62
C GLN A 68 4.94 -2.73 13.23
N TYR A 69 5.18 -3.86 12.58
CA TYR A 69 4.16 -4.87 12.36
C TYR A 69 4.37 -6.01 13.36
N GLN A 70 3.59 -7.07 13.22
CA GLN A 70 3.76 -8.26 14.05
C GLN A 70 3.64 -9.56 13.27
N GLU A 71 2.99 -9.57 12.12
CA GLU A 71 2.84 -10.76 11.29
C GLU A 71 2.39 -10.31 9.90
N PRO A 72 2.58 -11.15 8.88
CA PRO A 72 2.49 -10.63 7.50
C PRO A 72 1.15 -10.03 7.13
N TRP A 73 0.04 -10.61 7.60
CA TRP A 73 -1.28 -10.09 7.24
C TRP A 73 -1.51 -8.69 7.78
N GLN A 74 -0.78 -8.28 8.81
CA GLN A 74 -0.80 -6.89 9.25
C GLN A 74 -0.31 -5.97 8.15
N TYR A 75 0.81 -6.34 7.53
CA TYR A 75 1.33 -5.57 6.42
C TYR A 75 0.39 -5.64 5.24
N VAL A 76 -0.13 -6.84 4.94
CA VAL A 76 -1.15 -6.99 3.90
C VAL A 76 -2.31 -6.05 4.18
N ASP A 77 -2.76 -6.01 5.44
CA ASP A 77 -3.91 -5.19 5.82
C ASP A 77 -3.71 -3.73 5.44
N ASP A 78 -2.50 -3.19 5.67
CA ASP A 78 -2.25 -1.79 5.32
C ASP A 78 -2.20 -1.61 3.81
N VAL A 79 -1.60 -2.57 3.10
CA VAL A 79 -1.51 -2.42 1.65
C VAL A 79 -2.91 -2.46 1.04
N TRP A 80 -3.72 -3.43 1.45
CA TRP A 80 -5.09 -3.51 0.96
C TRP A 80 -5.88 -2.28 1.34
N LEU A 81 -5.61 -1.70 2.51
CA LEU A 81 -6.31 -0.48 2.91
C LEU A 81 -5.96 0.66 1.96
N MET A 82 -4.68 0.78 1.62
CA MET A 82 -4.30 1.78 0.64
C MET A 82 -5.03 1.56 -0.69
N PHE A 83 -5.10 0.30 -1.14
CA PHE A 83 -5.82 0.02 -2.40
C PHE A 83 -7.31 0.32 -2.28
N ASN A 84 -7.95 -0.17 -1.21
CA ASN A 84 -9.39 0.02 -1.06
C ASN A 84 -9.76 1.49 -0.98
N ASN A 85 -8.92 2.30 -0.31
CA ASN A 85 -9.18 3.74 -0.22
C ASN A 85 -9.22 4.36 -1.59
N ALA A 86 -8.25 4.00 -2.43
CA ALA A 86 -8.12 4.57 -3.77
C ALA A 86 -9.27 4.11 -4.66
N TRP A 87 -9.64 2.83 -4.57
CA TRP A 87 -10.78 2.35 -5.37
C TRP A 87 -12.10 2.97 -4.90
N LEU A 88 -12.20 3.33 -3.61
CA LEU A 88 -13.41 3.96 -3.12
C LEU A 88 -13.50 5.42 -3.54
N TYR A 89 -12.39 6.16 -3.43
CA TYR A 89 -12.44 7.60 -3.65
C TYR A 89 -12.48 7.93 -5.14
N ASN A 90 -11.68 7.24 -5.93
CA ASN A 90 -11.48 7.59 -7.34
C ASN A 90 -12.50 6.84 -8.21
N ARG A 91 -12.92 7.48 -9.30
CA ARG A 91 -13.89 6.84 -10.19
C ARG A 91 -13.27 5.69 -10.96
N LYS A 92 -14.10 4.70 -11.32
CA LYS A 92 -13.62 3.54 -12.05
C LYS A 92 -12.92 3.93 -13.35
N THR A 93 -13.31 5.03 -13.97
CA THR A 93 -12.70 5.41 -15.25
C THR A 93 -11.41 6.20 -15.06
N SER A 94 -11.04 6.51 -13.83
CA SER A 94 -10.01 7.50 -13.58
C SER A 94 -8.62 6.88 -13.60
N ARG A 95 -7.63 7.73 -13.86
CA ARG A 95 -6.26 7.26 -13.96
C ARG A 95 -5.78 6.64 -12.65
N VAL A 96 -6.09 7.28 -11.53
CA VAL A 96 -5.59 6.80 -10.23
C VAL A 96 -6.22 5.44 -9.89
N TYR A 97 -7.52 5.27 -10.22
CA TYR A 97 -8.17 3.97 -10.00
C TYR A 97 -7.46 2.88 -10.78
N LYS A 98 -7.17 3.15 -12.08
CA LYS A 98 -6.46 2.16 -12.89
C LYS A 98 -5.05 1.92 -12.37
N PHE A 99 -4.35 2.99 -11.96
CA PHE A 99 -3.04 2.82 -11.35
C PHE A 99 -3.11 1.91 -10.13
N CYS A 100 -4.10 2.15 -9.27
CA CYS A 100 -4.33 1.28 -8.12
C CYS A 100 -4.49 -0.18 -8.55
N SER A 101 -5.31 -0.44 -9.58
CA SER A 101 -5.55 -1.83 -9.95
C SER A 101 -4.27 -2.50 -10.46
N LYS A 102 -3.45 -1.76 -11.21
CA LYS A 102 -2.14 -2.29 -11.59
C LYS A 102 -1.31 -2.65 -10.36
N LEU A 103 -1.19 -1.73 -9.40
CA LEU A 103 -0.43 -2.05 -8.18
C LEU A 103 -0.99 -3.29 -7.48
N ALA A 104 -2.31 -3.43 -7.44
CA ALA A 104 -2.92 -4.56 -6.77
C ALA A 104 -2.63 -5.88 -7.48
N GLU A 105 -2.56 -5.86 -8.81
CA GLU A 105 -2.14 -7.05 -9.54
C GLU A 105 -0.71 -7.43 -9.17
N VAL A 106 0.21 -6.46 -9.24
CA VAL A 106 1.60 -6.71 -8.85
C VAL A 106 1.67 -7.25 -7.43
N PHE A 107 0.91 -6.64 -6.51
CA PHE A 107 1.04 -7.02 -5.11
C PHE A 107 0.53 -8.44 -4.87
N GLU A 108 -0.56 -8.86 -5.52
CA GLU A 108 -1.04 -10.22 -5.32
C GLU A 108 -0.04 -11.23 -5.88
N GLN A 109 0.58 -10.92 -7.03
CA GLN A 109 1.60 -11.80 -7.59
C GLN A 109 2.74 -12.00 -6.60
N GLU A 110 3.16 -10.91 -5.94
CA GLU A 110 4.35 -10.96 -5.08
C GLU A 110 4.04 -11.51 -3.70
N ILE A 111 2.85 -11.24 -3.18
CA ILE A 111 2.59 -11.54 -1.78
C ILE A 111 2.13 -12.99 -1.60
N ASP A 112 1.53 -13.62 -2.62
CA ASP A 112 1.08 -15.01 -2.45
C ASP A 112 2.23 -15.96 -2.10
N PRO A 113 3.39 -15.95 -2.78
CA PRO A 113 4.46 -16.87 -2.37
C PRO A 113 5.16 -16.46 -1.07
N VAL A 114 5.21 -15.17 -0.75
CA VAL A 114 5.80 -14.78 0.53
C VAL A 114 4.87 -15.16 1.68
N MET A 115 3.56 -15.20 1.41
CA MET A 115 2.62 -15.66 2.44
C MET A 115 2.72 -17.16 2.65
N GLN A 116 2.88 -17.92 1.56
CA GLN A 116 3.13 -19.35 1.69
C GLN A 116 4.43 -19.64 2.43
N SER A 117 5.38 -18.70 2.38
CA SER A 117 6.66 -18.89 3.03
C SER A 117 6.52 -18.96 4.55
N LEU A 118 5.59 -18.21 5.11
CA LEU A 118 5.42 -18.19 6.56
C LEU A 118 4.01 -18.58 6.99
CAA AY2 B . -6.02 14.87 -7.95
CAB AY2 B . -4.07 8.09 -3.85
CAC AY2 B . 2.00 15.40 -3.15
CAF AY2 B . 1.59 10.63 -13.49
CAG AY2 B . 0.44 10.59 -14.16
CAH AY2 B . 1.33 10.80 -12.19
CAI AY2 B . -6.04 10.82 -5.60
CAJ AY2 B . -5.81 11.90 -6.46
CAK AY2 B . 2.33 13.12 -5.84
CAL AY2 B . 2.87 13.88 -4.89
CAM AY2 B . 0.46 12.37 -7.76
CAN AY2 B . -1.72 11.46 -8.16
CAO AY2 B . -1.19 12.41 -5.99
CAP AY2 B . -3.67 10.38 -5.57
CAQ AY2 B . -5.30 13.66 -8.55
CAV AY2 B . -5.26 8.95 -4.32
CAW AY2 B . -0.69 11.05 -10.91
CAX AY2 B . -0.43 11.75 -8.63
CAY AY2 B . -4.98 10.04 -5.16
CAZ AY2 B . 0.10 12.70 -6.46
CBA AY2 B . -2.12 11.80 -6.85
CBB AY2 B . 1.03 13.29 -5.69
CBC AY2 B . 0.00 10.87 -12.06
CBD AY2 B . -4.51 12.23 -6.85
CBE AY2 B . -3.42 11.48 -6.42
NAR AY2 B . 0.80 14.14 -4.71
NAS AY2 B . 0.06 11.47 -9.87
NBF AY2 B . 1.87 14.47 -4.24
OAD AY2 B . -6.41 8.61 -4.03
OAE AY2 B . -1.90 10.92 -10.92
OAT AY2 B . -4.21 13.28 -7.68
OAU AY2 B . -0.56 10.74 -13.26
CAA AY2 C . -5.96 14.92 -7.97
CAB AY2 C . -4.01 8.14 -3.88
CAC AY2 C . 4.29 14.15 -4.63
CAF AY2 C . 1.57 10.60 -13.41
CAG AY2 C . 0.42 10.61 -14.09
CAH AY2 C . 1.31 10.79 -12.12
CAI AY2 C . -6.02 10.81 -5.66
CAJ AY2 C . -5.80 11.88 -6.51
CAK AY2 C . 0.72 13.85 -4.36
CAL AY2 C . 1.90 14.26 -3.89
CAM AY2 C . 0.49 12.37 -7.65
CAN AY2 C . -1.68 11.50 -8.11
CAO AY2 C . -1.19 12.40 -5.92
CAP AY2 C . -3.66 10.40 -5.56
CAQ AY2 C . -5.32 13.65 -8.54
CAV AY2 C . -5.21 8.97 -4.34
CAW AY2 C . -0.67 11.15 -10.86
CAX AY2 C . -0.38 11.77 -8.55
CAY AY2 C . -4.95 10.05 -5.19
CAZ AY2 C . 0.11 12.69 -6.35
CBA AY2 C . -2.10 11.80 -6.81
CBB AY2 C . 0.99 13.26 -5.51
CBC AY2 C . 0.00 10.93 -11.99
CBD AY2 C . -4.50 12.22 -6.88
CBE AY2 C . -3.41 11.48 -6.42
NAR AY2 C . 2.30 13.30 -5.72
NAS AY2 C . 0.10 11.51 -9.79
NBF AY2 C . 2.83 13.88 -4.77
OAD AY2 C . -6.36 8.64 -4.03
OAE AY2 C . -1.89 11.04 -10.86
OAT AY2 C . -4.21 13.27 -7.71
OAU AY2 C . -0.57 10.82 -13.18
#